data_4FAW
#
_entry.id   4FAW
#
_cell.length_a   89.900
_cell.length_b   95.540
_cell.length_c   226.430
_cell.angle_alpha   90.00
_cell.angle_beta   90.00
_cell.angle_gamma   90.00
#
_symmetry.space_group_name_H-M   'P 21 21 21'
#
loop_
_entity.id
_entity.type
_entity.pdbx_description
1 polymer 'Group IIC intron'
2 polymer "5'-R(*A*UP*UP*UP*AP*UP*UP*A)-3'"
3 non-polymer 'MAGNESIUM ION'
4 non-polymer 'POTASSIUM ION'
5 non-polymer SPERMINE
6 non-polymer '4-(2-HYDROXYETHYL)-1-PIPERAZINE ETHANESULFONIC ACID'
7 water water
#
loop_
_entity_poly.entity_id
_entity_poly.type
_entity_poly.pdbx_seq_one_letter_code
_entity_poly.pdbx_strand_id
1 'polyribonucleotide'
;GGGGUGUGCCCGGCAUGGGUGCAGUCUAUAGGGUGAGAGUCCCGAACUGUGAAGGCAGAAGUAACAGUUAGCCUAACGCA
AGGGUGUCCGUGGCGACAUGGAAUCUGAAGGAAGCGGACGGCAAACCUUCGGUCUGAGGAACACGAACUUCAUAUGAGGC
UAGGUAUCAAUGGAUGAGUUUGCAUAACAAAACAAAGUCCUUUCUGCCAAAGUUGGUACAGAGUAAAUGAAGCAGAUUGA
UGAAGGGAAAGACUGCAUUCUUACCCGGGGAGGUCUGGAAACAGAAGUCAGCAGAAGUCAUAGUACCCUGUUCGCAGGGG
AAGGACGGAACAAGUAUGGCGUUCGCGCCUAAGCUUGAACCGCCGUAUACCGAACGGUACGUACGGUGGUGUGG
;
A
2 'polyribonucleotide' AUUUAUUA B
#
loop_
_chem_comp.id
_chem_comp.type
_chem_comp.name
_chem_comp.formula
A RNA linking ADENOSINE-5'-MONOPHOSPHATE 'C10 H14 N5 O7 P'
C RNA linking CYTIDINE-5'-MONOPHOSPHATE 'C9 H14 N3 O8 P'
EPE non-polymer '4-(2-HYDROXYETHYL)-1-PIPERAZINE ETHANESULFONIC ACID' 'C8 H18 N2 O4 S'
G RNA linking GUANOSINE-5'-MONOPHOSPHATE 'C10 H14 N5 O8 P'
K non-polymer 'POTASSIUM ION' 'K 1'
MG non-polymer 'MAGNESIUM ION' 'Mg 2'
SPM non-polymer SPERMINE 'C10 H26 N4'
U RNA linking URIDINE-5'-MONOPHOSPHATE 'C9 H13 N2 O9 P'
#
# COMPACT_ATOMS: atom_id res chain seq x y z
MG MG C . 16.52 29.54 5.79
MG MG D . 10.91 14.97 -3.19
MG MG E . -11.49 -25.67 13.76
MG MG F . 12.70 17.56 -4.29
MG MG G . 20.75 16.42 20.05
MG MG H . 4.51 20.09 -11.93
MG MG I . 11.49 12.24 5.73
MG MG J . 10.99 42.92 -5.82
MG MG K . -5.28 -33.94 5.33
MG MG L . -6.43 7.87 -6.00
MG MG M . 6.02 8.29 8.66
MG MG N . 5.45 18.00 7.72
MG MG O . 0.20 -11.66 11.51
MG MG P . 10.95 -9.62 0.38
MG MG Q . -5.53 3.32 -13.20
MG MG R . 21.73 12.48 10.22
MG MG S . -20.15 -19.47 6.56
MG MG T . -9.69 23.80 -22.85
MG MG U . -5.20 23.05 -1.79
MG MG V . 18.35 -27.01 7.79
MG MG W . 11.12 -3.23 6.57
MG MG X . -15.37 -15.59 6.62
MG MG Y . 35.52 -1.15 8.59
MG MG Z . -2.45 24.51 -16.03
MG MG AA . 7.22 26.50 6.31
MG MG BA . -11.88 32.42 -21.59
MG MG CA . 20.24 26.71 22.89
MG MG DA . -5.03 -11.58 16.78
MG MG EA . 28.36 3.62 -4.20
MG MG FA . -20.89 18.98 6.32
MG MG GA . 1.06 29.35 -6.01
MG MG HA . 14.43 33.76 -3.34
K K IA . -21.96 9.23 7.99
K K JA . -6.94 41.02 -18.09
K K KA . -3.53 44.95 -29.26
K K LA . -19.27 -25.28 17.30
K K MA . 2.33 13.77 -6.54
K K NA . -14.07 23.16 -9.41
K K OA . -2.46 44.31 -32.38
K K PA . -8.28 20.87 -35.26
K K QA . 5.15 16.48 -8.54
K K RA . -22.51 -22.28 36.89
K K SA . 12.18 20.41 -1.02
K K TA . 27.71 41.58 9.25
K K UA . -10.85 29.59 -42.55
K K VA . 12.34 -21.51 18.33
K K WA . -13.26 28.62 -13.56
K K XA . -14.16 23.30 0.76
K K YA . -8.72 8.38 -22.81
K K ZA . -4.16 39.61 -5.06
K K AB . 39.42 49.02 11.01
N1 SPM BB . 11.03 -33.65 -0.06
C2 SPM BB . 10.18 -32.85 -0.92
C3 SPM BB . 9.64 -33.74 -2.05
C4 SPM BB . 8.37 -34.52 -1.67
N5 SPM BB . 7.09 -33.79 -1.82
C6 SPM BB . 6.96 -32.55 -2.58
C7 SPM BB . 5.79 -31.68 -2.11
C8 SPM BB . 5.39 -30.60 -3.11
C9 SPM BB . 4.25 -31.07 -4.03
N10 SPM BB . 3.01 -31.16 -3.26
C11 SPM BB . 1.88 -32.02 -3.61
C12 SPM BB . 0.62 -31.21 -4.03
C13 SPM BB . -0.65 -32.02 -3.82
N14 SPM BB . -1.62 -31.22 -3.09
N1 EPE CB . -5.83 -19.39 26.71
C2 EPE CB . -6.25 -19.81 25.38
C3 EPE CB . -6.93 -21.18 25.48
N4 EPE CB . -8.09 -21.11 26.37
C5 EPE CB . -7.71 -20.64 27.71
C6 EPE CB . -7.01 -19.27 27.59
C9 EPE CB . -5.13 -18.09 26.65
C10 EPE CB . -5.28 -17.49 25.25
S EPE CB . -4.90 -15.86 25.10
O1S EPE CB . -4.61 -14.97 26.24
O2S EPE CB . -4.48 -15.42 23.80
O3S EPE CB . -3.32 -16.32 25.20
S EPE DB . -8.66 18.19 -29.52
O1S EPE DB . -7.57 19.12 -29.40
O2S EPE DB . -8.28 16.98 -30.24
O3S EPE DB . -9.85 19.00 -30.33
C10 EPE EB . -9.78 -16.47 -1.46
S EPE EB . -8.41 -16.13 -0.53
O1S EPE EB . -7.08 -16.07 -1.11
O2S EPE EB . -8.56 -15.65 0.83
O3S EPE EB . -8.60 -14.57 -1.04
S EPE FB . -6.17 0.88 -21.69
O1S EPE FB . -5.35 0.35 -22.78
O2S EPE FB . -6.93 2.05 -22.10
O3S EPE FB . -5.23 1.21 -20.39
#